data_8UTG
#
_entry.id   8UTG
#
_cell.length_a   33.805
_cell.length_b   33.805
_cell.length_c   163.376
_cell.angle_alpha   90.000
_cell.angle_beta   90.000
_cell.angle_gamma   120.000
#
_symmetry.space_group_name_H-M   'P 32 2 1'
#
loop_
_entity.id
_entity.type
_entity.pdbx_description
1 polymer "RNA (5'-R(*UP*AP*UP*GP*GP*AP*AP*GP*AP*GP*GP*CP*GP*GP*UP*UP*GP*GP*UP*AP*U)-3')"
2 non-polymer 'AMMONIUM ION'
3 non-polymer 'POTASSIUM ION'
4 water water
#
_entity_poly.entity_id   1
_entity_poly.type   'polyribonucleotide'
_entity_poly.pdbx_seq_one_letter_code
;UAUGGAAGAGGCGGUUGGUAU
;
_entity_poly.pdbx_strand_id   A,B
#